data_5E8F
#
_entry.id   5E8F
#
_cell.length_a   77.710
_cell.length_b   81.430
_cell.length_c   118.530
_cell.angle_alpha   90.000
_cell.angle_beta   90.000
_cell.angle_gamma   90.000
#
_symmetry.space_group_name_H-M   'C 2 2 21'
#
loop_
_entity.id
_entity.type
_entity.pdbx_description
1 polymer "Retinal rod rhodopsin-sensitive cGMP 3',5'-cyclic phosphodiesterase subunit delta"
2 polymer "Cone cGMP-specific 3',5'-cyclic phosphodiesterase subunit alpha'"
3 non-polymer 'GERAN-8-YL GERAN'
4 water water
#
loop_
_entity_poly.entity_id
_entity_poly.type
_entity_poly.pdbx_seq_one_letter_code
_entity_poly.pdbx_strand_id
1 'polypeptide(L)'
;SAKDERAREILRGFKLNWMNLRDAETGKILWQGTEDLSVPGVEHEARVPKKILKCKAVSRELNFSSTEQMEKFRLEQKVY
FKGQCLEEWFFEFGFVIPNSTNTWQSLIEAAPESQMMPASVLTGNVIIETKFFDDDLLVSTSRVRLFYV
;
A,C
2 'polypeptide(L)' KSKT(CMT) D,E
#
loop_
_chem_comp.id
_chem_comp.type
_chem_comp.name
_chem_comp.formula
GER non-polymer 'GERAN-8-YL GERAN' 'C20 H34'
#
# COMPACT_ATOMS: atom_id res chain seq x y z
N LYS A 3 -5.03 -14.24 -0.52
CA LYS A 3 -5.37 -13.23 0.54
C LYS A 3 -4.58 -13.46 1.80
N ASP A 4 -4.50 -14.71 2.22
CA ASP A 4 -3.59 -15.09 3.26
C ASP A 4 -2.21 -15.11 2.61
N GLU A 5 -2.22 -15.35 1.31
CA GLU A 5 -1.02 -15.28 0.49
C GLU A 5 -0.46 -13.85 0.38
N ARG A 6 -1.33 -12.89 0.14
CA ARG A 6 -0.97 -11.48 0.07
C ARG A 6 -0.47 -10.97 1.44
N ALA A 7 -1.31 -11.16 2.45
CA ALA A 7 -0.96 -10.88 3.84
C ALA A 7 0.42 -11.35 4.12
N ARG A 8 0.74 -12.60 3.72
CA ARG A 8 2.05 -13.17 3.94
C ARG A 8 3.11 -12.48 3.12
N GLU A 9 2.83 -12.09 1.87
CA GLU A 9 3.88 -11.37 1.13
C GLU A 9 4.07 -9.96 1.69
N ILE A 10 3.01 -9.32 2.16
CA ILE A 10 3.16 -8.00 2.81
C ILE A 10 4.04 -8.16 4.08
N LEU A 11 3.64 -9.10 4.94
CA LEU A 11 4.38 -9.36 6.18
C LEU A 11 5.77 -9.84 5.89
N ARG A 12 5.93 -10.84 5.02
CA ARG A 12 7.30 -11.20 4.62
C ARG A 12 8.11 -10.02 4.12
N GLY A 13 7.48 -9.04 3.48
CA GLY A 13 8.27 -7.88 3.00
C GLY A 13 8.50 -6.71 3.99
N PHE A 14 7.91 -6.82 5.16
CA PHE A 14 7.86 -5.74 6.15
C PHE A 14 8.95 -5.83 7.25
N LYS A 15 9.35 -4.70 7.80
CA LYS A 15 10.42 -4.63 8.79
C LYS A 15 10.23 -3.35 9.62
N LEU A 16 9.87 -3.50 10.89
CA LEU A 16 10.06 -2.40 11.86
C LEU A 16 11.56 -2.26 12.14
N ASN A 17 12.18 -1.16 11.72
CA ASN A 17 13.63 -0.98 11.81
C ASN A 17 14.01 -0.43 13.19
N TRP A 18 13.32 0.64 13.61
CA TRP A 18 13.53 1.23 14.91
C TRP A 18 12.30 1.99 15.34
N MET A 19 12.28 2.27 16.63
CA MET A 19 11.19 2.90 17.20
C MET A 19 11.65 3.59 18.47
N ASN A 20 11.08 4.75 18.71
CA ASN A 20 11.43 5.65 19.84
C ASN A 20 10.20 6.00 20.52
N LEU A 21 10.27 6.21 21.83
CA LEU A 21 9.29 6.97 22.56
C LEU A 21 9.96 8.21 23.17
N ARG A 22 9.37 9.38 22.97
CA ARG A 22 10.04 10.59 23.45
C ARG A 22 9.09 11.50 24.15
N ASP A 23 9.59 12.01 25.25
CA ASP A 23 8.77 12.96 26.03
C ASP A 23 8.64 14.20 25.17
N ALA A 24 7.40 14.56 24.89
CA ALA A 24 7.10 15.64 23.98
C ALA A 24 7.33 17.06 24.62
N GLU A 25 7.55 17.12 25.93
CA GLU A 25 7.78 18.39 26.60
C GLU A 25 9.27 18.74 26.72
N THR A 26 10.11 17.76 27.01
CA THR A 26 11.53 17.94 27.21
C THR A 26 12.31 17.64 25.91
N GLY A 27 11.63 16.95 24.98
CA GLY A 27 12.23 16.38 23.81
C GLY A 27 13.08 15.15 24.00
N LYS A 28 13.22 14.66 25.20
CA LYS A 28 14.15 13.54 25.41
C LYS A 28 13.58 12.18 25.05
N ILE A 29 14.41 11.36 24.45
CA ILE A 29 14.06 10.02 24.17
C ILE A 29 14.06 9.22 25.48
N LEU A 30 12.97 8.56 25.81
CA LEU A 30 12.91 7.76 27.08
C LEU A 30 13.09 6.30 26.82
N TRP A 31 12.86 5.93 25.56
CA TRP A 31 12.89 4.55 25.20
C TRP A 31 13.14 4.40 23.73
N GLN A 32 13.96 3.42 23.39
CA GLN A 32 14.05 3.03 22.01
C GLN A 32 14.35 1.61 21.85
N GLY A 33 13.66 0.91 20.93
CA GLY A 33 14.08 -0.45 20.55
C GLY A 33 14.28 -0.55 19.05
N THR A 34 14.92 -1.66 18.68
CA THR A 34 15.18 -2.04 17.29
C THR A 34 14.79 -3.52 16.97
N GLU A 35 14.23 -4.22 17.94
CA GLU A 35 13.58 -5.53 17.70
C GLU A 35 12.39 -5.37 16.77
N ASP A 36 12.14 -6.29 15.87
CA ASP A 36 10.94 -6.17 15.05
C ASP A 36 9.75 -6.59 15.91
N LEU A 37 9.42 -5.72 16.88
CA LEU A 37 8.37 -5.98 17.85
C LEU A 37 7.13 -6.28 17.10
N SER A 38 7.16 -6.09 15.78
CA SER A 38 6.05 -6.40 14.86
C SER A 38 5.83 -7.91 14.51
N VAL A 39 6.76 -8.74 14.87
CA VAL A 39 6.74 -10.17 14.49
C VAL A 39 5.67 -10.92 15.27
N PRO A 40 4.73 -11.56 14.57
CA PRO A 40 3.69 -12.33 15.24
C PRO A 40 4.19 -13.65 15.88
N GLY A 41 3.30 -14.34 16.57
CA GLY A 41 3.63 -15.66 17.13
C GLY A 41 4.52 -15.70 18.36
N VAL A 42 4.89 -14.54 18.93
CA VAL A 42 5.84 -14.50 20.04
C VAL A 42 5.33 -13.42 21.00
N GLU A 43 5.46 -13.62 22.32
CA GLU A 43 5.19 -12.51 23.24
C GLU A 43 6.45 -11.69 23.47
N HIS A 44 6.60 -10.59 22.76
CA HIS A 44 7.72 -9.72 23.03
C HIS A 44 7.54 -9.10 24.39
N GLU A 45 8.65 -8.57 24.91
CA GLU A 45 8.67 -7.74 26.14
C GLU A 45 9.33 -6.39 25.93
N ALA A 46 8.96 -5.43 26.77
CA ALA A 46 9.58 -4.14 26.71
C ALA A 46 9.61 -3.55 28.13
N ARG A 47 10.76 -3.04 28.52
CA ARG A 47 10.89 -2.23 29.74
C ARG A 47 10.91 -0.78 29.35
N VAL A 48 10.01 0.02 29.88
CA VAL A 48 10.00 1.45 29.78
C VAL A 48 10.18 2.07 31.17
N PRO A 49 10.90 3.18 31.22
CA PRO A 49 11.02 3.89 32.51
C PRO A 49 9.68 4.42 32.99
N LYS A 50 9.40 4.18 34.27
CA LYS A 50 8.07 4.44 34.81
C LYS A 50 7.69 5.91 34.79
N LYS A 51 8.69 6.77 34.79
CA LYS A 51 8.42 8.19 34.66
C LYS A 51 7.78 8.57 33.32
N ILE A 52 7.74 7.65 32.36
CA ILE A 52 6.96 7.88 31.14
C ILE A 52 5.53 8.19 31.46
N LEU A 53 5.03 7.54 32.53
CA LEU A 53 3.68 7.79 32.99
C LEU A 53 3.40 9.21 33.47
N LYS A 54 4.45 9.99 33.70
CA LYS A 54 4.26 11.38 34.09
C LYS A 54 4.25 12.36 32.92
N CYS A 55 4.58 11.93 31.71
CA CYS A 55 4.53 12.84 30.57
C CYS A 55 3.11 13.26 30.22
N LYS A 56 2.97 14.50 29.79
CA LYS A 56 1.72 15.01 29.29
C LYS A 56 1.44 14.42 27.89
N ALA A 57 2.48 14.20 27.09
CA ALA A 57 2.36 13.55 25.78
C ALA A 57 3.66 12.91 25.44
N VAL A 58 3.57 11.85 24.64
CA VAL A 58 4.73 11.09 24.24
C VAL A 58 4.72 11.05 22.71
N SER A 59 5.83 11.37 22.07
CA SER A 59 5.97 11.28 20.60
C SER A 59 6.52 9.90 20.31
N ARG A 60 5.69 9.06 19.71
CA ARG A 60 6.19 7.77 19.16
C ARG A 60 6.64 7.87 17.73
N GLU A 61 7.88 7.46 17.46
CA GLU A 61 8.46 7.55 16.14
C GLU A 61 8.80 6.14 15.70
N LEU A 62 8.28 5.67 14.56
CA LEU A 62 8.44 4.27 14.07
C LEU A 62 9.08 4.32 12.69
N ASN A 63 10.12 3.59 12.42
CA ASN A 63 10.72 3.67 11.11
C ASN A 63 10.60 2.24 10.59
N PHE A 64 10.03 2.10 9.39
CA PHE A 64 9.62 0.80 8.87
C PHE A 64 9.96 0.76 7.34
N SER A 65 10.26 -0.44 6.86
CA SER A 65 10.46 -0.72 5.45
C SER A 65 9.39 -1.71 5.02
N SER A 66 9.04 -1.66 3.73
CA SER A 66 8.01 -2.52 3.11
C SER A 66 8.43 -2.67 1.63
N THR A 67 8.73 -3.90 1.24
CA THR A 67 8.93 -4.21 -0.19
C THR A 67 7.63 -4.08 -0.95
N GLU A 68 6.53 -4.55 -0.35
CA GLU A 68 5.19 -4.43 -0.91
C GLU A 68 4.49 -3.08 -0.70
N GLN A 69 3.78 -2.64 -1.73
CA GLN A 69 2.94 -1.45 -1.60
C GLN A 69 1.81 -1.72 -0.64
N MET A 70 1.34 -0.70 0.04
CA MET A 70 0.12 -0.80 0.77
C MET A 70 -0.73 0.35 0.49
N GLU A 71 -2.02 0.09 0.37
CA GLU A 71 -2.99 1.15 -0.04
C GLU A 71 -3.26 2.07 1.14
N LYS A 72 -3.40 1.47 2.33
CA LYS A 72 -3.74 2.23 3.55
C LYS A 72 -3.26 1.50 4.76
N PHE A 73 -1.96 1.63 5.03
CA PHE A 73 -1.33 1.01 6.14
C PHE A 73 -1.84 1.68 7.43
N ARG A 74 -2.23 0.86 8.38
CA ARG A 74 -2.77 1.42 9.61
C ARG A 74 -2.62 0.39 10.70
N LEU A 75 -2.71 0.86 11.95
CA LEU A 75 -2.68 -0.04 13.12
C LEU A 75 -3.89 0.10 14.01
N GLU A 76 -4.28 -1.02 14.62
CA GLU A 76 -5.21 -0.96 15.74
C GLU A 76 -4.51 -1.61 16.93
N GLN A 77 -4.48 -0.89 18.03
CA GLN A 77 -3.73 -1.33 19.18
C GLN A 77 -4.67 -1.35 20.37
N LYS A 78 -4.75 -2.53 20.98
CA LYS A 78 -5.52 -2.70 22.22
C LYS A 78 -4.57 -2.88 23.38
N VAL A 79 -4.88 -2.18 24.45
CA VAL A 79 -4.06 -2.18 25.63
C VAL A 79 -4.84 -3.01 26.64
N TYR A 80 -4.30 -4.18 26.94
CA TYR A 80 -4.92 -5.14 27.86
C TYR A 80 -4.23 -5.11 29.20
N PHE A 81 -5.02 -5.17 30.29
CA PHE A 81 -4.46 -5.22 31.63
C PHE A 81 -4.96 -6.48 32.30
N LYS A 82 -4.07 -7.43 32.62
CA LYS A 82 -4.55 -8.73 33.11
C LYS A 82 -5.68 -9.28 32.23
N GLY A 83 -5.46 -9.25 30.92
CA GLY A 83 -6.43 -9.76 29.97
C GLY A 83 -7.70 -8.95 29.79
N GLN A 84 -7.79 -7.76 30.38
CA GLN A 84 -8.97 -6.90 30.32
C GLN A 84 -8.69 -5.59 29.49
N CYS A 85 -9.39 -5.40 28.36
CA CYS A 85 -9.11 -4.28 27.44
C CYS A 85 -9.46 -2.98 28.10
N LEU A 86 -8.46 -2.14 28.41
CA LEU A 86 -8.68 -0.80 28.94
C LEU A 86 -8.84 0.27 27.86
N GLU A 87 -8.09 0.16 26.76
CA GLU A 87 -8.00 1.23 25.75
C GLU A 87 -7.92 0.69 24.37
N GLU A 88 -8.36 1.50 23.40
CA GLU A 88 -8.27 1.12 22.00
C GLU A 88 -7.82 2.34 21.15
N TRP A 89 -6.75 2.16 20.41
CA TRP A 89 -6.06 3.22 19.68
C TRP A 89 -6.00 2.82 18.22
N PHE A 90 -6.21 3.80 17.35
CA PHE A 90 -6.18 3.60 15.92
C PHE A 90 -5.25 4.63 15.34
N PHE A 91 -4.34 4.15 14.48
CA PHE A 91 -3.38 5.01 13.80
C PHE A 91 -3.38 4.63 12.33
N GLU A 92 -3.37 5.65 11.51
CA GLU A 92 -3.36 5.52 10.05
C GLU A 92 -2.10 6.15 9.44
N PHE A 93 -1.26 5.36 8.75
CA PHE A 93 -0.18 5.96 7.99
C PHE A 93 -0.69 6.41 6.59
N GLY A 94 -1.40 5.49 5.91
CA GLY A 94 -1.91 5.72 4.56
C GLY A 94 -1.09 4.94 3.52
N PHE A 95 -0.93 5.56 2.40
CA PHE A 95 -0.28 4.93 1.28
C PHE A 95 1.20 4.68 1.55
N VAL A 96 1.68 3.48 1.19
CA VAL A 96 3.07 3.09 1.26
C VAL A 96 3.60 2.67 -0.12
N ILE A 97 4.58 3.38 -0.63
CA ILE A 97 5.18 3.13 -1.91
C ILE A 97 5.97 1.82 -1.85
N PRO A 98 5.88 0.99 -2.90
CA PRO A 98 6.62 -0.28 -2.87
C PRO A 98 8.12 -0.05 -2.60
N ASN A 99 8.72 -0.91 -1.80
CA ASN A 99 10.15 -0.77 -1.51
C ASN A 99 10.59 0.55 -0.86
N SER A 100 9.84 1.01 0.13
CA SER A 100 10.18 2.26 0.79
C SER A 100 10.57 1.99 2.23
N THR A 101 11.19 3.01 2.80
CA THR A 101 11.45 3.07 4.20
C THR A 101 10.85 4.39 4.63
N ASN A 102 10.09 4.35 5.69
CA ASN A 102 9.28 5.43 6.13
C ASN A 102 9.42 5.64 7.66
N THR A 103 9.22 6.88 8.11
CA THR A 103 9.20 7.21 9.52
C THR A 103 7.79 7.72 9.77
N TRP A 104 7.16 7.16 10.76
CA TRP A 104 5.85 7.47 11.14
C TRP A 104 5.87 8.03 12.57
N GLN A 105 5.42 9.26 12.72
CA GLN A 105 5.35 9.87 14.05
C GLN A 105 3.92 10.07 14.48
N SER A 106 3.62 9.77 15.75
CA SER A 106 2.30 9.92 16.32
C SER A 106 2.42 10.51 17.76
N LEU A 107 1.51 11.38 18.12
CA LEU A 107 1.57 12.04 19.44
C LEU A 107 0.51 11.35 20.27
N ILE A 108 0.90 10.78 21.40
CA ILE A 108 -0.05 10.09 22.31
C ILE A 108 -0.18 10.95 23.56
N GLU A 109 -1.35 11.49 23.80
CA GLU A 109 -1.54 12.43 24.88
C GLU A 109 -2.06 11.68 26.11
N ALA A 110 -1.53 12.06 27.26
CA ALA A 110 -1.95 11.51 28.55
C ALA A 110 -3.34 11.93 28.92
N ALA A 111 -4.09 11.01 29.55
CA ALA A 111 -5.33 11.33 30.29
C ALA A 111 -5.06 12.26 31.48
N PRO A 112 -6.09 12.99 32.05
CA PRO A 112 -5.81 13.75 33.29
C PRO A 112 -5.11 12.87 34.31
N GLU A 113 -4.32 13.49 35.16
CA GLU A 113 -3.56 12.70 36.15
C GLU A 113 -4.44 11.75 36.98
N SER A 114 -5.66 12.13 37.25
CA SER A 114 -6.45 11.38 38.22
C SER A 114 -6.90 10.08 37.60
N GLN A 115 -6.63 9.90 36.31
CA GLN A 115 -7.00 8.68 35.60
C GLN A 115 -5.85 7.89 35.19
N MET A 116 -4.64 8.44 35.35
CA MET A 116 -3.40 7.67 35.02
C MET A 116 -3.27 6.47 35.95
N MET A 117 -2.89 5.34 35.41
CA MET A 117 -2.72 4.17 36.22
C MET A 117 -1.33 4.17 36.82
N PRO A 118 -1.17 3.77 38.09
CA PRO A 118 0.17 3.71 38.70
C PRO A 118 0.97 2.63 38.04
N ALA A 119 2.30 2.84 38.04
CA ALA A 119 3.28 1.91 37.55
C ALA A 119 3.21 0.57 38.28
N SER A 120 3.06 0.62 39.60
CA SER A 120 3.13 -0.61 40.40
C SER A 120 1.97 -1.53 40.03
N VAL A 121 0.84 -0.93 39.68
CA VAL A 121 -0.29 -1.73 39.24
C VAL A 121 -0.07 -2.24 37.80
N LEU A 122 0.56 -1.42 36.93
CA LEU A 122 0.66 -1.80 35.54
C LEU A 122 1.73 -2.81 35.26
N THR A 123 2.86 -2.66 35.93
CA THR A 123 4.07 -3.31 35.44
C THR A 123 3.89 -4.81 35.41
N GLY A 124 4.26 -5.38 34.25
CA GLY A 124 4.11 -6.78 33.99
C GLY A 124 2.73 -7.25 33.60
N ASN A 125 1.71 -6.43 33.78
CA ASN A 125 0.33 -6.82 33.59
C ASN A 125 -0.27 -6.23 32.29
N VAL A 126 0.53 -5.46 31.54
CA VAL A 126 0.00 -4.79 30.36
C VAL A 126 0.52 -5.51 29.16
N ILE A 127 -0.38 -5.79 28.23
CA ILE A 127 -0.09 -6.32 26.90
C ILE A 127 -0.71 -5.37 25.89
N ILE A 128 0.12 -4.97 24.94
CA ILE A 128 -0.30 -4.21 23.79
C ILE A 128 -0.46 -5.15 22.62
N GLU A 129 -1.66 -5.26 22.10
CA GLU A 129 -1.92 -6.18 21.02
C GLU A 129 -2.12 -5.31 19.80
N THR A 130 -1.27 -5.46 18.83
CA THR A 130 -1.27 -4.62 17.67
C THR A 130 -1.74 -5.44 16.45
N LYS A 131 -2.83 -5.03 15.85
CA LYS A 131 -3.18 -5.55 14.50
C LYS A 131 -2.69 -4.59 13.38
N PHE A 132 -1.90 -5.14 12.47
CA PHE A 132 -1.31 -4.47 11.30
C PHE A 132 -2.25 -4.73 10.13
N PHE A 133 -2.88 -3.68 9.62
CA PHE A 133 -3.75 -3.74 8.45
C PHE A 133 -3.24 -2.96 7.26
N ASP A 134 -3.52 -3.48 6.06
CA ASP A 134 -3.59 -2.63 4.89
C ASP A 134 -5.04 -2.55 4.54
N ASP A 135 -5.60 -1.39 4.83
CA ASP A 135 -7.04 -1.12 4.66
C ASP A 135 -7.85 -2.12 5.52
N ASP A 136 -8.48 -3.14 4.90
CA ASP A 136 -9.20 -4.15 5.67
C ASP A 136 -8.55 -5.50 5.67
N LEU A 137 -7.38 -5.60 5.07
CA LEU A 137 -6.64 -6.84 5.13
C LEU A 137 -5.78 -6.85 6.42
N LEU A 138 -6.08 -7.81 7.28
CA LEU A 138 -5.37 -7.99 8.50
C LEU A 138 -4.10 -8.71 8.09
N VAL A 139 -2.97 -8.06 8.29
CA VAL A 139 -1.71 -8.59 7.88
C VAL A 139 -1.02 -9.38 8.98
N SER A 140 -1.16 -8.94 10.23
CA SER A 140 -0.56 -9.68 11.34
C SER A 140 -1.03 -9.09 12.64
N THR A 141 -0.71 -9.81 13.71
CA THR A 141 -1.12 -9.46 15.08
C THR A 141 0.05 -9.79 15.95
N SER A 142 0.52 -8.80 16.73
CA SER A 142 1.73 -8.95 17.51
C SER A 142 1.38 -8.49 18.91
N ARG A 143 2.16 -8.95 19.86
CA ARG A 143 1.87 -8.62 21.24
C ARG A 143 3.12 -8.29 21.96
N VAL A 144 3.04 -7.28 22.85
CA VAL A 144 4.14 -6.86 23.71
C VAL A 144 3.69 -6.74 25.14
N ARG A 145 4.42 -7.40 26.03
CA ARG A 145 4.23 -7.23 27.48
C ARG A 145 5.12 -6.12 28.02
N LEU A 146 4.53 -5.19 28.74
CA LEU A 146 5.23 -4.02 29.25
C LEU A 146 5.57 -4.06 30.73
N PHE A 147 6.81 -3.74 31.00
CA PHE A 147 7.34 -3.52 32.36
C PHE A 147 7.65 -2.01 32.47
N TYR A 148 7.24 -1.39 33.57
CA TYR A 148 7.39 0.03 33.79
C TYR A 148 8.34 0.07 34.97
N VAL A 149 9.62 0.32 34.67
CA VAL A 149 10.73 0.07 35.58
C VAL A 149 11.34 1.38 36.04
N SER B 1 -20.77 -15.48 -31.91
CA SER B 1 -20.87 -16.49 -30.83
C SER B 1 -19.76 -17.55 -30.88
N ALA B 2 -19.22 -17.82 -32.08
CA ALA B 2 -17.94 -18.49 -32.13
C ALA B 2 -16.92 -17.44 -31.69
N LYS B 3 -17.13 -16.20 -32.17
CA LYS B 3 -16.36 -15.02 -31.80
C LYS B 3 -16.56 -14.64 -30.35
N ASP B 4 -17.80 -14.64 -29.88
CA ASP B 4 -18.01 -14.42 -28.45
C ASP B 4 -17.49 -15.57 -27.61
N GLU B 5 -17.58 -16.79 -28.15
CA GLU B 5 -17.11 -17.98 -27.44
C GLU B 5 -15.59 -17.91 -27.23
N ARG B 6 -14.90 -17.45 -28.26
CA ARG B 6 -13.46 -17.34 -28.26
C ARG B 6 -13.02 -16.25 -27.26
N ALA B 7 -13.56 -15.06 -27.45
CA ALA B 7 -13.45 -13.92 -26.55
C ALA B 7 -13.54 -14.38 -25.12
N ARG B 8 -14.67 -15.01 -24.82
CA ARG B 8 -14.92 -15.46 -23.46
C ARG B 8 -13.97 -16.53 -22.98
N GLU B 9 -13.50 -17.43 -23.87
CA GLU B 9 -12.44 -18.39 -23.49
C GLU B 9 -11.14 -17.61 -23.12
N ILE B 10 -10.76 -16.68 -23.97
CA ILE B 10 -9.48 -15.96 -23.74
C ILE B 10 -9.54 -15.25 -22.37
N LEU B 11 -10.65 -14.59 -22.14
CA LEU B 11 -10.89 -13.79 -20.91
C LEU B 11 -10.86 -14.63 -19.67
N ARG B 12 -11.46 -15.83 -19.73
CA ARG B 12 -11.49 -16.68 -18.58
C ARG B 12 -10.15 -17.23 -18.22
N GLY B 13 -9.27 -17.47 -19.19
CA GLY B 13 -7.93 -18.00 -18.88
C GLY B 13 -6.90 -16.87 -18.73
N PHE B 14 -7.33 -15.61 -18.78
CA PHE B 14 -6.37 -14.45 -18.81
C PHE B 14 -6.38 -13.76 -17.45
N LYS B 15 -5.20 -13.31 -17.01
CA LYS B 15 -4.96 -12.81 -15.64
C LYS B 15 -3.76 -11.85 -15.65
N LEU B 16 -3.95 -10.62 -15.19
CA LEU B 16 -2.78 -9.77 -14.92
C LEU B 16 -2.38 -10.13 -13.51
N ASN B 17 -1.13 -10.56 -13.36
CA ASN B 17 -0.57 -10.94 -12.08
C ASN B 17 -0.02 -9.72 -11.33
N TRP B 18 0.78 -8.92 -12.03
CA TRP B 18 1.29 -7.73 -11.40
C TRP B 18 1.64 -6.74 -12.43
N MET B 19 1.69 -5.48 -12.01
CA MET B 19 2.17 -4.44 -12.86
C MET B 19 2.93 -3.38 -12.08
N ASN B 20 4.06 -2.99 -12.59
CA ASN B 20 4.87 -1.90 -12.03
C ASN B 20 4.87 -0.63 -12.89
N LEU B 21 4.90 0.51 -12.25
CA LEU B 21 5.29 1.80 -12.83
C LEU B 21 6.57 2.22 -12.13
N ARG B 22 7.64 2.32 -12.89
CA ARG B 22 8.96 2.61 -12.38
C ARG B 22 9.47 3.89 -13.00
N ASP B 23 10.15 4.68 -12.16
CA ASP B 23 10.80 5.93 -12.61
C ASP B 23 12.02 5.45 -13.39
N ALA B 24 12.06 5.75 -14.67
CA ALA B 24 13.12 5.27 -15.53
C ALA B 24 14.47 6.01 -15.23
N GLU B 25 14.43 7.16 -14.60
CA GLU B 25 15.67 7.87 -14.29
C GLU B 25 16.31 7.39 -13.01
N THR B 26 15.48 7.06 -12.03
CA THR B 26 16.03 6.59 -10.80
C THR B 26 16.01 5.10 -10.68
N GLY B 27 15.12 4.46 -11.43
CA GLY B 27 14.95 3.02 -11.30
C GLY B 27 14.03 2.57 -10.21
N LYS B 28 13.44 3.49 -9.44
CA LYS B 28 12.62 3.08 -8.28
C LYS B 28 11.20 2.83 -8.69
N ILE B 29 10.62 1.75 -8.22
CA ILE B 29 9.21 1.49 -8.50
C ILE B 29 8.36 2.48 -7.70
N LEU B 30 7.45 3.15 -8.34
CA LEU B 30 6.58 4.14 -7.71
C LEU B 30 5.23 3.58 -7.34
N TRP B 31 4.82 2.56 -8.08
CA TRP B 31 3.53 1.92 -7.93
C TRP B 31 3.62 0.48 -8.40
N GLN B 32 2.97 -0.40 -7.65
CA GLN B 32 2.87 -1.77 -7.97
C GLN B 32 1.48 -2.24 -7.67
N GLY B 33 0.77 -2.64 -8.72
CA GLY B 33 -0.55 -3.23 -8.59
C GLY B 33 -0.42 -4.73 -8.63
N THR B 34 -1.11 -5.38 -7.71
CA THR B 34 -1.15 -6.83 -7.65
C THR B 34 -2.62 -7.36 -7.80
N GLU B 35 -3.59 -6.48 -7.93
CA GLU B 35 -4.99 -6.81 -8.38
C GLU B 35 -5.10 -7.05 -9.85
N ASP B 36 -6.08 -7.88 -10.23
CA ASP B 36 -6.31 -8.12 -11.64
C ASP B 36 -7.18 -6.99 -12.20
N LEU B 37 -6.50 -5.92 -12.62
CA LEU B 37 -7.17 -4.72 -13.16
C LEU B 37 -7.81 -4.96 -14.46
N SER B 38 -7.55 -6.11 -15.06
CA SER B 38 -8.19 -6.49 -16.29
C SER B 38 -9.64 -6.92 -16.17
N VAL B 39 -10.19 -7.07 -14.97
CA VAL B 39 -11.52 -7.73 -14.83
C VAL B 39 -12.57 -6.72 -15.32
N PRO B 40 -13.40 -7.09 -16.29
CA PRO B 40 -14.37 -6.13 -16.75
C PRO B 40 -15.50 -6.00 -15.73
N GLY B 41 -16.28 -4.92 -15.84
CA GLY B 41 -17.51 -4.74 -15.04
C GLY B 41 -17.38 -4.22 -13.62
N VAL B 42 -16.15 -3.86 -13.24
CA VAL B 42 -15.78 -3.40 -11.90
C VAL B 42 -15.14 -2.02 -12.12
N GLU B 43 -15.46 -1.02 -11.32
CA GLU B 43 -14.66 0.21 -11.33
C GLU B 43 -13.47 0.06 -10.43
N HIS B 44 -12.40 -0.41 -10.99
CA HIS B 44 -11.15 -0.52 -10.24
C HIS B 44 -10.71 0.88 -9.87
N GLU B 45 -9.94 0.98 -8.78
CA GLU B 45 -9.25 2.20 -8.32
C GLU B 45 -7.77 1.96 -8.16
N ALA B 46 -6.94 2.92 -8.55
CA ALA B 46 -5.52 2.85 -8.35
C ALA B 46 -5.11 4.20 -7.73
N ARG B 47 -4.24 4.11 -6.73
CA ARG B 47 -3.65 5.29 -6.13
C ARG B 47 -2.21 5.29 -6.44
N VAL B 48 -1.76 6.31 -7.17
CA VAL B 48 -0.39 6.44 -7.58
C VAL B 48 0.25 7.72 -6.95
N PRO B 49 1.47 7.63 -6.46
CA PRO B 49 2.08 8.83 -5.88
C PRO B 49 2.14 9.96 -6.86
N LYS B 50 1.70 11.16 -6.42
CA LYS B 50 1.58 12.27 -7.34
C LYS B 50 2.93 12.65 -7.95
N LYS B 51 4.02 12.27 -7.32
CA LYS B 51 5.34 12.56 -7.92
C LYS B 51 5.65 11.83 -9.22
N ILE B 52 4.86 10.81 -9.60
CA ILE B 52 5.05 10.15 -10.91
C ILE B 52 4.94 11.17 -12.04
N LEU B 53 4.16 12.24 -11.82
CA LEU B 53 3.93 13.28 -12.81
C LEU B 53 5.21 14.07 -13.07
N LYS B 54 6.23 13.87 -12.24
CA LYS B 54 7.53 14.54 -12.37
C LYS B 54 8.60 13.76 -13.13
N CYS B 55 8.35 12.47 -13.38
CA CYS B 55 9.28 11.62 -14.12
C CYS B 55 9.30 12.03 -15.56
N LYS B 56 10.49 12.10 -16.14
CA LYS B 56 10.63 12.23 -17.56
C LYS B 56 10.05 11.02 -18.34
N ALA B 57 10.25 9.83 -17.78
CA ALA B 57 9.78 8.55 -18.38
C ALA B 57 9.47 7.55 -17.29
N VAL B 58 8.52 6.69 -17.61
CA VAL B 58 8.04 5.69 -16.68
C VAL B 58 8.06 4.35 -17.43
N SER B 59 8.73 3.37 -16.85
CA SER B 59 8.75 1.98 -17.36
C SER B 59 7.54 1.31 -16.77
N ARG B 60 6.62 0.93 -17.66
CA ARG B 60 5.49 0.10 -17.26
C ARG B 60 5.85 -1.34 -17.49
N GLU B 61 5.71 -2.15 -16.47
CA GLU B 61 6.08 -3.60 -16.55
C GLU B 61 4.89 -4.43 -16.12
N LEU B 62 4.31 -5.17 -17.07
CA LEU B 62 3.03 -5.85 -16.86
C LEU B 62 3.31 -7.34 -16.90
N ASN B 63 2.88 -8.11 -15.92
CA ASN B 63 3.14 -9.54 -15.98
C ASN B 63 1.80 -10.26 -16.08
N PHE B 64 1.58 -11.07 -17.11
CA PHE B 64 0.26 -11.66 -17.32
C PHE B 64 0.32 -13.12 -17.72
N SER B 65 -0.75 -13.86 -17.41
CA SER B 65 -0.83 -15.27 -17.76
C SER B 65 -2.01 -15.50 -18.73
N SER B 66 -1.84 -16.42 -19.67
CA SER B 66 -2.96 -16.79 -20.58
C SER B 66 -2.97 -18.28 -20.89
N THR B 67 -4.06 -18.93 -20.53
CA THR B 67 -4.28 -20.33 -20.95
C THR B 67 -4.42 -20.42 -22.43
N GLU B 68 -5.14 -19.49 -23.04
CA GLU B 68 -5.33 -19.50 -24.46
C GLU B 68 -4.22 -18.81 -25.23
N GLN B 69 -3.96 -19.38 -26.41
CA GLN B 69 -3.11 -18.75 -27.36
C GLN B 69 -3.74 -17.44 -27.84
N MET B 70 -2.91 -16.46 -28.08
CA MET B 70 -3.41 -15.28 -28.73
C MET B 70 -2.50 -15.03 -29.86
N GLU B 71 -3.07 -14.60 -30.97
CA GLU B 71 -2.32 -14.36 -32.22
C GLU B 71 -1.65 -12.96 -32.23
N LYS B 72 -2.36 -11.94 -31.74
CA LYS B 72 -1.80 -10.56 -31.68
C LYS B 72 -2.40 -9.82 -30.50
N PHE B 73 -1.94 -10.18 -29.32
CA PHE B 73 -2.40 -9.56 -28.09
C PHE B 73 -2.03 -8.07 -28.18
N ARG B 74 -3.02 -7.19 -28.05
CA ARG B 74 -2.74 -5.77 -27.97
C ARG B 74 -3.76 -5.08 -27.06
N LEU B 75 -3.47 -3.83 -26.67
CA LEU B 75 -4.35 -3.01 -25.82
C LEU B 75 -4.58 -1.66 -26.45
N GLU B 76 -5.81 -1.15 -26.33
CA GLU B 76 -6.07 0.26 -26.61
C GLU B 76 -6.54 0.86 -25.30
N GLN B 77 -5.86 1.92 -24.89
CA GLN B 77 -6.19 2.60 -23.62
C GLN B 77 -6.45 4.07 -23.90
N LYS B 78 -7.55 4.52 -23.34
CA LYS B 78 -8.11 5.84 -23.54
C LYS B 78 -8.09 6.45 -22.15
N VAL B 79 -7.52 7.64 -22.06
CA VAL B 79 -7.38 8.33 -20.80
C VAL B 79 -8.45 9.39 -20.80
N TYR B 80 -9.50 9.13 -20.01
CA TYR B 80 -10.68 10.02 -19.96
C TYR B 80 -10.62 10.93 -18.76
N PHE B 81 -10.73 12.24 -19.02
CA PHE B 81 -10.77 13.23 -17.96
C PHE B 81 -12.18 13.80 -17.88
N LYS B 82 -12.84 13.61 -16.74
CA LYS B 82 -14.25 13.98 -16.58
C LYS B 82 -15.07 13.66 -17.79
N GLY B 83 -14.85 12.49 -18.37
CA GLY B 83 -15.56 12.05 -19.55
C GLY B 83 -15.00 12.58 -20.85
N GLN B 84 -14.00 13.43 -20.82
CA GLN B 84 -13.37 13.89 -22.06
C GLN B 84 -12.14 13.02 -22.33
N CYS B 85 -12.06 12.37 -23.49
CA CYS B 85 -10.84 11.63 -23.86
C CYS B 85 -9.70 12.63 -24.01
N LEU B 86 -8.64 12.45 -23.27
CA LEU B 86 -7.47 13.30 -23.35
C LEU B 86 -6.37 12.66 -24.20
N GLU B 87 -6.22 11.36 -24.12
CA GLU B 87 -5.14 10.70 -24.84
C GLU B 87 -5.59 9.31 -25.14
N GLU B 88 -5.02 8.79 -26.22
CA GLU B 88 -5.25 7.45 -26.66
C GLU B 88 -3.94 6.73 -26.94
N TRP B 89 -3.77 5.57 -26.33
CA TRP B 89 -2.58 4.75 -26.42
C TRP B 89 -2.86 3.32 -26.96
N PHE B 90 -1.96 2.93 -27.86
CA PHE B 90 -1.90 1.63 -28.49
C PHE B 90 -0.63 0.83 -28.15
N PHE B 91 -0.76 -0.35 -27.55
CA PHE B 91 0.39 -1.20 -27.22
C PHE B 91 0.14 -2.57 -27.79
N GLU B 92 1.13 -3.11 -28.46
CA GLU B 92 1.01 -4.46 -29.07
C GLU B 92 2.06 -5.34 -28.45
N PHE B 93 1.62 -6.49 -27.93
CA PHE B 93 2.51 -7.51 -27.40
C PHE B 93 2.86 -8.54 -28.51
N GLY B 94 1.87 -8.91 -29.30
CA GLY B 94 2.06 -9.95 -30.36
C GLY B 94 1.48 -11.31 -29.93
N PHE B 95 2.18 -12.34 -30.34
CA PHE B 95 1.79 -13.72 -30.19
C PHE B 95 2.03 -14.12 -28.77
N VAL B 96 1.03 -14.77 -28.20
CA VAL B 96 1.09 -15.32 -26.86
C VAL B 96 0.99 -16.84 -26.96
N ILE B 97 2.05 -17.55 -26.54
CA ILE B 97 2.03 -18.99 -26.50
C ILE B 97 0.98 -19.47 -25.50
N PRO B 98 0.22 -20.51 -25.89
CA PRO B 98 -0.82 -20.92 -25.02
C PRO B 98 -0.26 -21.36 -23.65
N ASN B 99 -0.98 -21.04 -22.59
CA ASN B 99 -0.54 -21.41 -21.28
C ASN B 99 0.71 -20.77 -20.80
N SER B 100 0.91 -19.51 -21.15
CA SER B 100 2.19 -18.88 -20.93
C SER B 100 2.00 -17.77 -19.92
N THR B 101 3.10 -17.41 -19.29
CA THR B 101 3.16 -16.28 -18.36
C THR B 101 4.23 -15.37 -18.98
N ASN B 102 3.92 -14.09 -19.12
CA ASN B 102 4.78 -13.19 -19.88
C ASN B 102 4.92 -11.83 -19.14
N THR B 103 6.11 -11.24 -19.28
CA THR B 103 6.34 -9.86 -18.87
C THR B 103 6.43 -8.90 -20.00
N TRP B 104 5.61 -7.87 -19.98
CA TRP B 104 5.53 -6.93 -21.05
C TRP B 104 5.97 -5.56 -20.47
N GLN B 105 6.99 -5.00 -21.07
CA GLN B 105 7.60 -3.78 -20.61
C GLN B 105 7.50 -2.75 -21.71
N SER B 106 7.01 -1.57 -21.35
CA SER B 106 6.93 -0.43 -22.25
C SER B 106 7.45 0.82 -21.49
N LEU B 107 8.13 1.67 -22.23
CA LEU B 107 8.64 2.94 -21.74
C LEU B 107 7.67 4.08 -22.12
N ILE B 108 7.06 4.74 -21.16
CA ILE B 108 6.15 5.88 -21.51
C ILE B 108 6.81 7.21 -21.14
N GLU B 109 6.88 8.12 -22.11
CA GLU B 109 7.64 9.35 -22.00
C GLU B 109 6.67 10.47 -21.68
N ALA B 110 7.13 11.38 -20.83
CA ALA B 110 6.29 12.48 -20.36
C ALA B 110 6.26 13.56 -21.38
N ALA B 111 5.12 14.20 -21.54
CA ALA B 111 5.06 15.42 -22.35
C ALA B 111 5.92 16.48 -21.64
N PRO B 112 6.24 17.58 -22.34
CA PRO B 112 7.05 18.57 -21.68
C PRO B 112 6.35 19.13 -20.47
N GLU B 113 7.15 19.68 -19.58
CA GLU B 113 6.67 20.03 -18.23
C GLU B 113 5.42 20.98 -18.23
N SER B 114 5.47 21.99 -19.10
CA SER B 114 4.36 22.95 -19.20
C SER B 114 3.07 22.32 -19.69
N GLN B 115 3.12 21.11 -20.22
CA GLN B 115 1.87 20.48 -20.68
C GLN B 115 1.34 19.42 -19.77
N MET B 116 2.10 19.07 -18.74
CA MET B 116 1.71 18.02 -17.83
C MET B 116 0.58 18.59 -17.06
N MET B 117 -0.41 17.75 -16.84
CA MET B 117 -1.52 18.13 -16.06
C MET B 117 -1.24 18.06 -14.56
N PRO B 118 -1.77 19.00 -13.80
CA PRO B 118 -1.51 18.97 -12.34
C PRO B 118 -2.37 17.92 -11.60
N ALA B 119 -1.80 17.32 -10.56
CA ALA B 119 -2.36 16.22 -9.79
C ALA B 119 -3.71 16.63 -9.18
N SER B 120 -3.78 17.87 -8.70
CA SER B 120 -4.96 18.39 -8.02
C SER B 120 -6.12 18.42 -8.97
N VAL B 121 -5.83 18.74 -10.21
CA VAL B 121 -6.85 18.67 -11.27
C VAL B 121 -7.19 17.21 -11.62
N LEU B 122 -6.17 16.37 -11.78
CA LEU B 122 -6.42 14.98 -12.19
C LEU B 122 -7.08 14.06 -11.16
N THR B 123 -6.72 14.22 -9.91
CA THR B 123 -6.97 13.14 -8.98
C THR B 123 -8.44 12.86 -8.88
N GLY B 124 -8.80 11.59 -8.99
CA GLY B 124 -10.16 11.25 -8.90
C GLY B 124 -10.95 11.51 -10.15
N ASN B 125 -10.44 12.30 -11.10
CA ASN B 125 -11.19 12.59 -12.34
C ASN B 125 -10.72 11.87 -13.59
N VAL B 126 -9.77 10.96 -13.42
CA VAL B 126 -9.20 10.22 -14.53
C VAL B 126 -9.66 8.77 -14.49
N ILE B 127 -10.18 8.32 -15.61
CA ILE B 127 -10.57 6.93 -15.81
C ILE B 127 -9.79 6.48 -17.04
N ILE B 128 -9.07 5.38 -16.89
CA ILE B 128 -8.39 4.70 -18.01
C ILE B 128 -9.25 3.50 -18.44
N GLU B 129 -9.65 3.55 -19.69
CA GLU B 129 -10.47 2.53 -20.28
C GLU B 129 -9.58 1.73 -21.22
N THR B 130 -9.43 0.46 -20.92
CA THR B 130 -8.55 -0.43 -21.67
C THR B 130 -9.38 -1.44 -22.41
N LYS B 131 -9.29 -1.40 -23.73
CA LYS B 131 -9.80 -2.48 -24.57
C LYS B 131 -8.68 -3.53 -24.84
N PHE B 132 -8.97 -4.73 -24.43
CA PHE B 132 -8.09 -5.90 -24.60
C PHE B 132 -8.50 -6.58 -25.89
N PHE B 133 -7.62 -6.62 -26.88
CA PHE B 133 -7.86 -7.32 -28.12
C PHE B 133 -6.91 -8.48 -28.37
N ASP B 134 -7.41 -9.53 -29.06
CA ASP B 134 -6.56 -10.39 -29.87
C ASP B 134 -6.82 -10.03 -31.33
N ASP B 135 -5.84 -9.34 -31.87
CA ASP B 135 -5.87 -8.81 -33.21
C ASP B 135 -7.11 -7.95 -33.35
N ASP B 136 -8.14 -8.41 -34.07
CA ASP B 136 -9.38 -7.63 -34.13
C ASP B 136 -10.54 -8.08 -33.24
N LEU B 137 -10.40 -9.21 -32.57
CA LEU B 137 -11.35 -9.63 -31.54
C LEU B 137 -11.22 -8.86 -30.21
N LEU B 138 -12.23 -8.05 -29.89
CA LEU B 138 -12.34 -7.42 -28.59
C LEU B 138 -12.72 -8.41 -27.53
N VAL B 139 -11.82 -8.62 -26.58
CA VAL B 139 -11.95 -9.61 -25.51
C VAL B 139 -12.54 -9.01 -24.23
N SER B 140 -12.20 -7.77 -23.92
CA SER B 140 -12.76 -7.09 -22.76
C SER B 140 -12.47 -5.60 -22.75
N THR B 141 -13.29 -4.88 -21.97
CA THR B 141 -13.11 -3.51 -21.68
C THR B 141 -13.18 -3.35 -20.16
N SER B 142 -12.16 -2.73 -19.58
CA SER B 142 -12.02 -2.60 -18.14
C SER B 142 -11.70 -1.14 -17.86
N ARG B 143 -12.06 -0.66 -16.65
CA ARG B 143 -11.99 0.71 -16.21
C ARG B 143 -11.26 0.86 -14.89
N VAL B 144 -10.34 1.81 -14.86
CA VAL B 144 -9.59 2.14 -13.66
C VAL B 144 -9.66 3.63 -13.41
N ARG B 145 -10.22 4.01 -12.27
CA ARG B 145 -10.21 5.39 -11.79
C ARG B 145 -8.89 5.71 -11.04
N LEU B 146 -8.22 6.80 -11.42
CA LEU B 146 -6.92 7.10 -10.86
C LEU B 146 -6.97 8.19 -9.89
N PHE B 147 -6.33 7.94 -8.76
CA PHE B 147 -6.05 8.96 -7.77
C PHE B 147 -4.57 9.19 -7.75
N TYR B 148 -4.18 10.47 -7.77
CA TYR B 148 -2.77 10.89 -7.68
C TYR B 148 -2.49 11.38 -6.24
N VAL B 149 -1.87 10.57 -5.39
CA VAL B 149 -1.84 10.86 -3.95
C VAL B 149 -0.52 11.36 -3.48
N LYS C 1 -6.85 10.26 24.69
CA LYS C 1 -6.14 10.29 26.02
C LYS C 1 -5.79 8.90 26.55
N SER C 2 -4.51 8.60 26.66
CA SER C 2 -4.05 7.31 27.21
C SER C 2 -3.90 7.37 28.74
N LYS C 3 -4.32 6.30 29.41
CA LYS C 3 -4.12 6.10 30.84
C LYS C 3 -2.91 5.25 31.22
N THR C 4 -2.23 4.69 30.22
CA THR C 4 -1.13 3.73 30.44
C THR C 4 0.16 4.22 29.78
N CMT C 5 0.00 5.70 28.94
CA CMT C 5 1.23 6.20 28.38
C CMT C 5 1.10 7.69 28.61
O CMT C 5 0.14 8.32 28.19
CB CMT C 5 1.25 5.79 26.92
SG CMT C 5 2.48 6.78 26.00
OXT CMT C 5 2.03 8.22 29.39
C1 CMT C 5 1.99 9.64 29.33
N LYS D 1 3.86 11.04 -26.40
CA LYS D 1 4.09 11.64 -25.01
C LYS D 1 2.85 11.77 -24.10
N SER D 2 2.95 11.36 -22.84
CA SER D 2 1.79 11.48 -21.94
C SER D 2 1.78 12.78 -21.06
N LYS D 3 0.59 13.36 -20.94
CA LYS D 3 0.29 14.54 -20.12
C LYS D 3 -0.20 14.16 -18.74
N THR D 4 -0.41 12.86 -18.60
CA THR D 4 -1.24 12.34 -17.55
C THR D 4 -0.44 11.23 -16.88
N CMT D 5 1.12 10.99 -17.09
CA CMT D 5 2.04 9.94 -16.70
C CMT D 5 3.38 10.51 -17.06
O CMT D 5 3.70 10.76 -18.23
CB CMT D 5 1.74 8.63 -17.44
SG CMT D 5 2.98 7.40 -16.93
OXT CMT D 5 4.14 10.69 -15.99
C1 CMT D 5 5.55 11.03 -16.25
C1 GER E . 3.45 5.51 25.14
C2 GER E . 3.90 4.71 26.24
C3 GER E . 3.74 3.22 26.25
C4 GER E . 4.23 2.62 27.52
C5 GER E . 3.38 2.36 25.05
C6 GER E . 4.60 1.49 24.78
C7 GER E . 4.32 0.62 23.57
C8 GER E . 5.40 -0.26 23.04
C9 GER E . 6.80 -0.32 23.67
C10 GER E . 5.06 -1.30 21.98
C11 GER E . 4.79 -0.64 20.68
C12 GER E . 4.25 -1.64 19.73
C13 GER E . 4.00 -1.19 18.32
C14 GER E . 4.28 0.28 17.95
C15 GER E . 3.46 -2.18 17.28
C16 GER E . 4.61 -2.57 16.35
C17 GER E . 3.87 -3.49 15.38
C18 GER E . 3.81 -3.12 13.91
C19 GER E . 4.48 -1.83 13.39
C20 GER E . 2.95 -3.94 12.98
C1 GER F . 2.37 6.94 -15.27
C2 GER F . 1.14 6.12 -15.56
C3 GER F . -0.20 6.41 -14.91
C4 GER F . -0.35 7.46 -13.83
C5 GER F . -1.37 5.56 -15.37
C6 GER F . -1.59 4.41 -14.42
C7 GER F . -2.49 3.49 -15.20
C8 GER F . -3.26 2.40 -14.50
C9 GER F . -3.11 2.08 -12.99
C10 GER F . -4.35 1.82 -15.36
C11 GER F . -4.37 0.35 -15.42
C12 GER F . -3.35 -0.12 -16.38
C13 GER F . -3.58 -1.30 -17.29
C14 GER F . -2.31 -1.68 -18.03
C15 GER F . -4.92 -2.10 -17.40
C16 GER F . -4.60 -3.52 -17.86
C17 GER F . -5.83 -4.23 -18.40
C18 GER F . -5.62 -5.44 -19.32
C19 GER F . -4.24 -6.01 -19.55
C20 GER F . -6.74 -6.07 -20.08
#